data_3M8K
#
_entry.id   3M8K
#
_cell.length_a   131.601
_cell.length_b   131.601
_cell.length_c   76.116
_cell.angle_alpha   90.00
_cell.angle_beta   90.00
_cell.angle_gamma   120.00
#
_symmetry.space_group_name_H-M   'H 3'
#
loop_
_entity.id
_entity.type
_entity.pdbx_description
1 polymer 'FtsZ/tubulin-related protein'
2 water water
#
_entity_poly.entity_id   1
_entity_poly.type   'polypeptide(L)'
_entity_poly.pdbx_seq_one_letter_code
;(MSE)LLNSNELEHIHSTNHSVNDISIRWGVIGAGQKGNKEADLFAGYKFSNGTTCYPTLAVNFAESD(MSE)(MSE)HL
QNIIKEDRIHFDGLKGAARTPSVVTDLFDPETNPNANGYLDKLAQELGRKFTNEEGEVIVDQFLICLGAGGGVGTGWGSL
VLQLIREQFFPCPVS(MSE)LISLPSGDPDEINNALVLLSEIDEF(MSE)REQDRLFGNSDIKPLANVIVNDNTQ(MSE)
QRIIESQKGTKDLKNRYVNWKEVANDNVVSTLHEINIIPENYGSDNVTYDPSDLIKLLSIPGRFLTIGKARIAKFDLHSL
ENSIKRSLDEGFFSAEHQFETAT(MSE)YGGFVLRPSNADFFKDVNTENRIRNTLGEYKRLDEIAGKFGDPIWDNEYAVC
YTIFAG(MSE)T(MSE)PKRYISLAREGKELAEKQEQLRAEAQRKQDEEKVDISFATNRVQKNT
;
_entity_poly.pdbx_strand_id   A
#
# COMPACT_ATOMS: atom_id res chain seq x y z
N LEU A 2 5.46 16.70 5.81
CA LEU A 2 6.25 15.67 5.15
C LEU A 2 6.18 15.82 3.63
N LEU A 3 7.33 15.97 2.99
CA LEU A 3 7.41 16.00 1.53
C LEU A 3 8.31 14.87 1.02
N ASN A 4 7.80 13.66 1.27
CA ASN A 4 8.41 12.34 1.03
C ASN A 4 8.94 12.03 -0.38
N SER A 5 8.63 12.85 -1.38
CA SER A 5 9.03 12.59 -2.76
C SER A 5 9.09 13.86 -3.59
N ASN A 6 9.71 13.75 -4.76
CA ASN A 6 9.74 14.86 -5.71
C ASN A 6 8.36 15.25 -6.22
N GLU A 7 7.46 14.27 -6.32
CA GLU A 7 6.09 14.50 -6.74
C GLU A 7 5.35 15.32 -5.70
N LEU A 8 5.50 14.95 -4.42
CA LEU A 8 4.88 15.68 -3.32
C LEU A 8 5.42 17.10 -3.17
N GLU A 9 6.72 17.29 -3.43
CA GLU A 9 7.33 18.62 -3.46
C GLU A 9 6.73 19.45 -4.57
N HIS A 10 6.55 18.84 -5.74
CA HIS A 10 6.05 19.51 -6.94
C HIS A 10 4.61 19.93 -6.85
N ILE A 11 3.74 19.03 -6.37
CA ILE A 11 2.32 19.37 -6.17
C ILE A 11 2.09 20.42 -5.08
N HIS A 12 2.89 20.40 -4.01
CA HIS A 12 2.69 21.37 -2.94
C HIS A 12 3.36 22.74 -3.21
N SER A 13 4.34 22.74 -4.11
CA SER A 13 5.02 23.96 -4.52
C SER A 13 4.18 24.76 -5.51
N THR A 14 3.33 24.04 -6.23
CA THR A 14 2.69 24.56 -7.44
C THR A 14 1.17 24.63 -7.26
N ASN A 15 0.70 24.13 -6.12
CA ASN A 15 -0.71 24.03 -5.77
C ASN A 15 -0.78 24.13 -4.25
N HIS A 16 -1.28 25.26 -3.76
CA HIS A 16 -1.46 25.45 -2.32
C HIS A 16 -2.95 25.65 -2.05
N SER A 17 -3.65 24.51 -2.14
CA SER A 17 -5.11 24.41 -2.11
C SER A 17 -5.37 22.90 -2.08
N VAL A 18 -4.30 22.15 -1.86
CA VAL A 18 -4.39 20.71 -1.62
C VAL A 18 -4.92 20.54 -0.20
N ASN A 19 -6.24 20.44 -0.09
CA ASN A 19 -6.95 20.44 1.19
C ASN A 19 -7.89 19.26 1.41
N ASP A 20 -7.90 18.33 0.45
CA ASP A 20 -8.69 17.12 0.60
C ASP A 20 -8.06 15.91 -0.08
N ILE A 21 -8.45 14.74 0.42
CA ILE A 21 -8.07 13.45 -0.17
C ILE A 21 -9.30 12.74 -0.72
N SER A 22 -9.08 11.76 -1.60
CA SER A 22 -10.16 10.98 -2.20
C SER A 22 -10.86 10.09 -1.15
N ILE A 23 -10.06 9.44 -0.32
CA ILE A 23 -10.57 8.52 0.69
C ILE A 23 -9.96 8.81 2.07
N ARG A 24 -10.81 8.88 3.08
CA ARG A 24 -10.35 9.14 4.43
C ARG A 24 -9.79 7.87 5.08
N TRP A 25 -8.48 7.71 5.04
CA TRP A 25 -7.83 6.59 5.70
C TRP A 25 -7.71 6.79 7.21
N GLY A 26 -8.00 5.71 7.93
CA GLY A 26 -7.60 5.60 9.33
C GLY A 26 -6.42 4.66 9.30
N VAL A 27 -5.23 5.24 9.48
CA VAL A 27 -3.98 4.48 9.43
C VAL A 27 -3.65 3.83 10.77
N ILE A 28 -3.36 2.52 10.71
CA ILE A 28 -2.92 1.77 11.87
C ILE A 28 -1.68 0.97 11.52
N GLY A 29 -0.59 1.24 12.22
CA GLY A 29 0.62 0.42 12.15
C GLY A 29 0.57 -0.65 13.22
N ALA A 30 1.11 -1.83 12.93
CA ALA A 30 1.04 -2.92 13.91
C ALA A 30 2.40 -3.48 14.30
N GLY A 31 3.22 -3.86 13.33
CA GLY A 31 4.58 -4.27 13.69
C GLY A 31 5.49 -3.07 13.93
N GLN A 32 6.79 -3.33 14.05
CA GLN A 32 7.78 -2.27 13.98
C GLN A 32 7.77 -1.62 12.58
N LYS A 33 7.84 -2.47 11.56
CA LYS A 33 7.82 -2.02 10.18
C LYS A 33 6.53 -1.28 9.83
N GLY A 34 5.40 -1.82 10.29
CA GLY A 34 4.11 -1.13 10.13
C GLY A 34 4.06 0.23 10.80
N ASN A 35 4.69 0.35 11.97
CA ASN A 35 4.77 1.60 12.73
C ASN A 35 5.55 2.70 11.98
N LYS A 36 6.61 2.29 11.28
CA LYS A 36 7.39 3.19 10.42
C LYS A 36 6.54 3.82 9.32
N GLU A 37 5.78 2.99 8.62
CA GLU A 37 4.94 3.44 7.51
C GLU A 37 3.84 4.34 8.05
N ALA A 38 3.22 3.91 9.14
CA ALA A 38 2.16 4.67 9.82
C ALA A 38 2.66 6.04 10.28
N ASP A 39 3.91 6.08 10.74
CA ASP A 39 4.56 7.31 11.18
C ASP A 39 4.77 8.28 10.00
N LEU A 40 4.95 7.75 8.81
CA LEU A 40 5.11 8.60 7.64
C LEU A 40 3.75 9.19 7.25
N PHE A 41 2.73 8.34 7.26
CA PHE A 41 1.36 8.77 6.95
C PHE A 41 0.88 9.89 7.87
N ALA A 42 1.23 9.78 9.15
CA ALA A 42 0.90 10.79 10.17
C ALA A 42 1.62 12.11 9.92
N GLY A 43 2.64 12.08 9.07
CA GLY A 43 3.44 13.28 8.81
C GLY A 43 2.83 14.19 7.76
N TYR A 44 1.85 13.66 7.02
CA TYR A 44 1.23 14.38 5.92
C TYR A 44 0.27 15.46 6.39
N LYS A 45 0.38 16.64 5.79
CA LYS A 45 -0.53 17.75 6.07
C LYS A 45 -1.11 18.32 4.79
N PHE A 46 -2.32 18.90 4.89
CA PHE A 46 -2.92 19.62 3.78
C PHE A 46 -2.21 20.97 3.56
N SER A 47 -2.63 21.73 2.56
CA SER A 47 -2.07 23.08 2.29
C SER A 47 -2.18 24.00 3.50
N ASN A 48 -3.38 24.05 4.09
CA ASN A 48 -3.55 24.47 5.47
C ASN A 48 -2.90 23.41 6.36
N GLY A 49 -2.36 23.80 7.51
CA GLY A 49 -1.55 22.90 8.33
C GLY A 49 -2.19 21.62 8.85
N THR A 50 -3.47 21.43 8.56
CA THR A 50 -4.22 20.26 9.04
C THR A 50 -3.68 18.92 8.57
N THR A 51 -3.81 17.93 9.44
CA THR A 51 -3.26 16.60 9.24
C THR A 51 -4.21 15.71 8.41
N CYS A 52 -3.65 15.01 7.43
CA CYS A 52 -4.43 14.22 6.45
C CYS A 52 -5.10 12.97 7.03
N TYR A 53 -4.32 12.17 7.75
CA TYR A 53 -4.79 10.89 8.27
C TYR A 53 -4.70 10.81 9.78
N PRO A 54 -5.83 10.58 10.45
CA PRO A 54 -5.74 10.23 11.87
C PRO A 54 -5.09 8.85 11.96
N THR A 55 -3.98 8.74 12.70
CA THR A 55 -3.23 7.50 12.70
C THR A 55 -2.84 7.01 14.09
N LEU A 56 -2.73 5.69 14.22
CA LEU A 56 -2.22 5.05 15.44
C LEU A 56 -1.09 4.09 15.09
N ALA A 57 -0.29 3.78 16.09
CA ALA A 57 0.72 2.76 15.99
C ALA A 57 0.53 1.81 17.15
N VAL A 58 0.73 0.52 16.91
CA VAL A 58 0.44 -0.50 17.93
C VAL A 58 1.64 -1.41 18.17
N ASN A 59 1.82 -1.80 19.44
CA ASN A 59 2.81 -2.80 19.82
C ASN A 59 2.47 -3.35 21.20
N PHE A 60 3.41 -4.02 21.85
CA PHE A 60 3.18 -4.51 23.22
C PHE A 60 3.71 -3.55 24.30
N ALA A 61 4.92 -3.03 24.09
CA ALA A 61 5.63 -2.30 25.14
C ALA A 61 5.88 -0.83 24.80
N GLU A 62 6.06 0.00 25.82
CA GLU A 62 6.38 1.43 25.62
C GLU A 62 7.64 1.60 24.77
N SER A 63 8.73 0.97 25.21
CA SER A 63 10.01 0.89 24.50
C SER A 63 9.92 0.76 22.98
N ASP A 64 9.02 -0.11 22.50
CA ASP A 64 8.67 -0.15 21.09
C ASP A 64 8.05 1.20 20.75
N HIS A 67 11.05 5.87 19.08
CA HIS A 67 11.63 6.77 18.09
C HIS A 67 10.66 7.28 17.01
N LEU A 68 9.37 7.04 17.21
CA LEU A 68 8.35 7.60 16.31
C LEU A 68 8.35 9.13 16.45
N GLN A 69 8.09 9.83 15.35
CA GLN A 69 8.26 11.28 15.31
C GLN A 69 6.99 12.07 14.98
N ASN A 70 6.06 11.45 14.27
CA ASN A 70 4.81 12.12 13.88
C ASN A 70 3.59 11.64 14.63
N ILE A 71 3.65 10.40 15.13
CA ILE A 71 2.60 9.84 15.97
C ILE A 71 2.92 10.22 17.40
N ILE A 72 2.04 11.03 18.00
CA ILE A 72 2.22 11.50 19.39
C ILE A 72 2.02 10.34 20.36
N LYS A 73 2.53 10.50 21.58
CA LYS A 73 2.68 9.38 22.53
C LYS A 73 1.38 8.70 22.96
N GLU A 74 0.31 9.48 23.07
CA GLU A 74 -1.01 8.95 23.40
C GLU A 74 -1.50 7.98 22.31
N ASP A 75 -1.21 8.32 21.05
CA ASP A 75 -1.54 7.49 19.90
C ASP A 75 -0.59 6.30 19.73
N ARG A 76 0.34 6.18 20.67
CA ARG A 76 1.25 5.04 20.71
C ARG A 76 0.70 4.01 21.70
N ILE A 77 -0.03 3.03 21.16
CA ILE A 77 -0.79 2.11 22.01
C ILE A 77 -0.14 0.74 22.20
N HIS A 78 0.01 0.36 23.46
CA HIS A 78 0.80 -0.78 23.87
C HIS A 78 0.03 -1.62 24.88
N PHE A 79 0.37 -2.90 24.97
CA PHE A 79 -0.41 -3.83 25.78
C PHE A 79 0.39 -4.47 26.91
N VAL A 91 1.42 -16.03 18.99
CA VAL A 91 1.81 -15.27 20.16
C VAL A 91 0.96 -14.01 20.31
N VAL A 92 0.85 -13.22 19.25
CA VAL A 92 0.05 -12.00 19.25
C VAL A 92 -1.43 -12.36 19.29
N THR A 93 -1.79 -13.38 18.51
CA THR A 93 -3.16 -13.88 18.46
C THR A 93 -3.41 -14.95 19.53
N ASP A 94 -2.62 -14.88 20.61
CA ASP A 94 -2.82 -15.70 21.81
C ASP A 94 -3.27 -14.85 22.99
N LEU A 95 -2.88 -13.57 22.98
CA LEU A 95 -3.26 -12.61 24.02
C LEU A 95 -4.74 -12.27 23.97
N PHE A 96 -5.30 -12.19 22.76
CA PHE A 96 -6.67 -11.73 22.55
C PHE A 96 -7.70 -12.86 22.56
N ASP A 97 -7.22 -14.10 22.44
CA ASP A 97 -8.07 -15.29 22.54
C ASP A 97 -8.58 -15.49 23.96
N PRO A 98 -9.91 -15.70 24.12
CA PRO A 98 -10.54 -15.82 25.44
C PRO A 98 -10.07 -17.01 26.28
N GLU A 99 -9.61 -18.08 25.61
CA GLU A 99 -9.20 -19.31 26.30
C GLU A 99 -7.72 -19.33 26.67
N THR A 100 -6.85 -19.21 25.67
CA THR A 100 -5.40 -19.23 25.89
C THR A 100 -4.88 -17.92 26.56
N ASN A 101 -5.81 -17.19 27.19
CA ASN A 101 -5.46 -16.03 28.02
C ASN A 101 -6.64 -15.59 28.90
N PRO A 102 -6.44 -15.55 30.23
CA PRO A 102 -7.44 -14.93 31.11
C PRO A 102 -7.47 -13.41 30.90
N ASN A 103 -8.67 -12.83 31.02
CA ASN A 103 -8.90 -11.41 30.75
C ASN A 103 -8.36 -10.96 29.36
N ALA A 104 -8.59 -11.79 28.36
CA ALA A 104 -8.20 -11.50 26.98
C ALA A 104 -9.07 -10.41 26.39
N ASN A 105 -10.30 -10.32 26.88
CA ASN A 105 -11.22 -9.27 26.48
C ASN A 105 -10.75 -7.90 26.98
N GLY A 106 -9.97 -7.90 28.06
CA GLY A 106 -9.31 -6.70 28.56
C GLY A 106 -8.39 -6.10 27.50
N TYR A 107 -7.75 -6.96 26.73
CA TYR A 107 -6.90 -6.54 25.60
C TYR A 107 -7.71 -5.99 24.43
N LEU A 108 -8.81 -6.66 24.11
CA LEU A 108 -9.69 -6.23 23.01
C LEU A 108 -10.45 -4.95 23.36
N ASP A 109 -10.84 -4.81 24.62
CA ASP A 109 -11.53 -3.59 25.09
C ASP A 109 -10.62 -2.38 25.01
N LYS A 110 -9.37 -2.56 25.40
CA LYS A 110 -8.35 -1.51 25.25
C LYS A 110 -8.08 -1.21 23.76
N LEU A 111 -8.06 -2.26 22.93
CA LEU A 111 -7.95 -2.08 21.49
C LEU A 111 -9.14 -1.29 20.96
N ALA A 112 -10.35 -1.73 21.29
CA ALA A 112 -11.59 -1.06 20.89
C ALA A 112 -11.67 0.40 21.32
N GLN A 113 -11.49 0.64 22.63
CA GLN A 113 -11.54 2.00 23.18
C GLN A 113 -10.53 2.94 22.51
N GLU A 114 -9.29 2.48 22.34
CA GLU A 114 -8.28 3.32 21.70
C GLU A 114 -8.64 3.60 20.24
N LEU A 115 -9.16 2.59 19.54
CA LEU A 115 -9.62 2.71 18.17
C LEU A 115 -10.83 3.63 18.10
N GLY A 116 -11.71 3.52 19.09
CA GLY A 116 -12.91 4.34 19.17
C GLY A 116 -12.60 5.81 19.40
N ARG A 117 -11.53 6.10 20.14
CA ARG A 117 -11.23 7.49 20.46
C ARG A 117 -10.50 8.24 19.35
N LYS A 118 -9.64 7.53 18.61
CA LYS A 118 -8.91 8.14 17.49
C LYS A 118 -9.76 8.31 16.22
N PHE A 119 -10.65 7.35 15.98
CA PHE A 119 -11.37 7.31 14.70
C PHE A 119 -12.84 7.72 14.77
N THR A 120 -13.22 8.38 15.87
CA THR A 120 -14.63 8.73 16.12
C THR A 120 -14.80 10.17 16.60
N ASN A 121 -15.95 10.75 16.26
CA ASN A 121 -16.44 12.04 16.78
C ASN A 121 -16.70 12.03 18.28
N GLU A 122 -17.06 13.21 18.81
CA GLU A 122 -17.59 13.30 20.16
C GLU A 122 -18.99 12.71 20.18
N GLU A 123 -19.70 12.80 19.04
CA GLU A 123 -21.05 12.27 18.93
C GLU A 123 -21.10 10.85 18.40
N GLY A 124 -19.98 10.15 18.49
CA GLY A 124 -19.89 8.75 18.09
C GLY A 124 -19.85 8.45 16.59
N GLU A 125 -19.44 9.42 15.79
CA GLU A 125 -19.35 9.20 14.34
C GLU A 125 -17.94 8.85 13.87
N VAL A 126 -17.84 7.75 13.11
CA VAL A 126 -16.59 7.33 12.49
C VAL A 126 -16.11 8.37 11.49
N ILE A 127 -14.89 8.87 11.69
CA ILE A 127 -14.35 9.97 10.87
C ILE A 127 -13.49 9.49 9.69
N VAL A 128 -13.55 8.19 9.40
CA VAL A 128 -12.81 7.59 8.28
C VAL A 128 -13.72 6.74 7.37
N ASP A 129 -13.24 6.47 6.16
CA ASP A 129 -13.97 5.62 5.22
C ASP A 129 -13.45 4.17 5.21
N GLN A 130 -12.16 4.01 5.50
CA GLN A 130 -11.47 2.74 5.34
C GLN A 130 -10.25 2.76 6.23
N PHE A 131 -9.98 1.62 6.86
CA PHE A 131 -8.77 1.47 7.65
C PHE A 131 -7.64 0.99 6.77
N LEU A 132 -6.53 1.74 6.79
CA LEU A 132 -5.29 1.31 6.16
C LEU A 132 -4.39 0.76 7.25
N ILE A 133 -4.27 -0.56 7.25
CA ILE A 133 -3.51 -1.25 8.29
C ILE A 133 -2.17 -1.74 7.76
N CYS A 134 -1.08 -1.22 8.32
CA CYS A 134 0.28 -1.56 7.89
C CYS A 134 0.97 -2.54 8.84
N LEU A 135 1.62 -3.55 8.27
CA LEU A 135 2.37 -4.53 9.05
C LEU A 135 3.37 -5.33 8.23
N GLY A 136 4.50 -5.64 8.84
CA GLY A 136 5.51 -6.47 8.20
C GLY A 136 5.16 -7.92 8.42
N ALA A 137 4.95 -8.65 7.33
CA ALA A 137 4.73 -10.10 7.43
C ALA A 137 6.08 -10.79 7.67
N GLY A 138 6.05 -11.95 8.30
CA GLY A 138 7.28 -12.70 8.53
C GLY A 138 7.78 -12.55 9.95
N GLY A 139 7.88 -11.30 10.41
CA GLY A 139 8.23 -11.00 11.79
C GLY A 139 7.21 -11.64 12.74
N GLY A 140 7.69 -12.14 13.88
CA GLY A 140 6.82 -12.75 14.89
C GLY A 140 5.63 -11.88 15.22
N VAL A 141 5.89 -10.58 15.35
CA VAL A 141 4.90 -9.59 15.74
C VAL A 141 3.95 -9.27 14.56
N GLY A 142 4.51 -8.83 13.44
CA GLY A 142 3.72 -8.46 12.25
C GLY A 142 2.76 -9.52 11.72
N THR A 143 3.26 -10.73 11.50
CA THR A 143 2.42 -11.87 11.06
C THR A 143 1.37 -12.26 12.09
N GLY A 144 1.74 -12.10 13.37
CA GLY A 144 0.80 -12.30 14.47
C GLY A 144 -0.29 -11.26 14.38
N TRP A 145 0.09 -10.00 14.16
CA TRP A 145 -0.85 -8.90 14.04
C TRP A 145 -1.78 -9.09 12.85
N GLY A 146 -1.23 -9.48 11.71
CA GLY A 146 -1.99 -9.70 10.48
C GLY A 146 -3.03 -10.80 10.61
N SER A 147 -2.64 -11.87 11.27
CA SER A 147 -3.53 -12.97 11.59
C SER A 147 -4.68 -12.50 12.49
N LEU A 148 -4.38 -11.55 13.38
CA LEU A 148 -5.36 -10.97 14.30
C LEU A 148 -6.39 -10.12 13.55
N VAL A 149 -5.90 -9.24 12.67
CA VAL A 149 -6.74 -8.34 11.91
C VAL A 149 -7.82 -9.14 11.18
N LEU A 150 -7.39 -10.18 10.48
CA LEU A 150 -8.28 -11.06 9.72
C LEU A 150 -9.38 -11.61 10.60
N GLN A 151 -9.01 -12.15 11.76
CA GLN A 151 -9.99 -12.67 12.71
C GLN A 151 -10.98 -11.60 13.18
N LEU A 152 -10.46 -10.39 13.42
CA LEU A 152 -11.27 -9.24 13.86
C LEU A 152 -12.31 -8.84 12.81
N ILE A 153 -11.89 -8.81 11.55
CA ILE A 153 -12.82 -8.61 10.43
C ILE A 153 -13.97 -9.64 10.43
N ARG A 154 -13.62 -10.93 10.56
CA ARG A 154 -14.61 -12.03 10.72
C ARG A 154 -15.61 -11.82 11.89
N GLU A 155 -15.14 -11.16 12.95
CA GLU A 155 -15.97 -10.87 14.13
C GLU A 155 -16.72 -9.53 14.03
N GLN A 156 -16.55 -8.84 12.89
CA GLN A 156 -17.23 -7.56 12.60
C GLN A 156 -16.76 -6.42 13.52
N PHE A 157 -15.47 -6.43 13.84
CA PHE A 157 -14.85 -5.54 14.82
C PHE A 157 -14.74 -4.11 14.32
N PHE A 158 -14.32 -3.95 13.07
CA PHE A 158 -14.12 -2.63 12.47
C PHE A 158 -15.42 -2.09 11.88
N PRO A 159 -15.67 -0.77 12.04
CA PRO A 159 -16.90 -0.23 11.46
C PRO A 159 -16.74 0.13 9.97
N CYS A 160 -15.57 -0.19 9.42
CA CYS A 160 -15.26 0.12 8.04
C CYS A 160 -14.52 -1.03 7.44
N PRO A 161 -14.52 -1.13 6.10
CA PRO A 161 -13.61 -2.06 5.40
C PRO A 161 -12.14 -1.82 5.80
N VAL A 162 -11.33 -2.87 5.73
CA VAL A 162 -9.91 -2.67 5.89
C VAL A 162 -9.10 -3.01 4.64
N SER A 163 -8.10 -2.16 4.39
CA SER A 163 -7.04 -2.43 3.44
C SER A 163 -5.77 -2.77 4.23
N LEU A 165 -1.75 -3.20 4.20
CA LEU A 165 -0.50 -2.98 3.50
C LEU A 165 0.59 -3.82 4.15
N ILE A 166 1.00 -4.89 3.45
CA ILE A 166 1.92 -5.88 4.02
C ILE A 166 3.22 -5.98 3.25
N SER A 167 4.33 -6.03 3.99
CA SER A 167 5.63 -6.30 3.37
C SER A 167 6.01 -7.75 3.60
N LEU A 168 6.70 -8.32 2.60
CA LEU A 168 7.14 -9.70 2.66
C LEU A 168 8.65 -9.79 2.88
N PRO A 169 9.06 -10.69 3.80
CA PRO A 169 10.45 -10.86 4.20
C PRO A 169 11.27 -11.68 3.21
N SER A 170 12.55 -11.85 3.54
CA SER A 170 13.47 -12.71 2.81
C SER A 170 14.65 -12.97 3.71
N GLY A 171 15.41 -14.01 3.41
CA GLY A 171 16.66 -14.27 4.13
C GLY A 171 16.57 -15.16 5.35
N ASP A 172 15.37 -15.23 5.95
CA ASP A 172 15.13 -16.11 7.10
C ASP A 172 14.00 -17.10 6.81
N PRO A 173 14.30 -18.42 6.86
CA PRO A 173 13.30 -19.46 6.61
C PRO A 173 12.12 -19.45 7.60
N ASP A 174 12.35 -18.89 8.79
CA ASP A 174 11.33 -18.83 9.81
C ASP A 174 10.37 -17.65 9.60
N GLU A 175 10.91 -16.54 9.10
CA GLU A 175 10.11 -15.40 8.68
C GLU A 175 9.32 -15.74 7.42
N ILE A 176 9.94 -16.47 6.51
CA ILE A 176 9.28 -16.93 5.29
C ILE A 176 8.08 -17.81 5.63
N ASN A 177 8.30 -18.80 6.51
CA ASN A 177 7.20 -19.65 6.98
C ASN A 177 6.03 -18.82 7.51
N ASN A 178 6.33 -17.88 8.39
CA ASN A 178 5.31 -16.99 8.95
C ASN A 178 4.55 -16.23 7.87
N ALA A 179 5.28 -15.69 6.88
CA ALA A 179 4.65 -14.92 5.81
C ALA A 179 3.75 -15.77 4.93
N LEU A 180 4.17 -17.00 4.63
CA LEU A 180 3.32 -17.92 3.85
C LEU A 180 2.06 -18.32 4.60
N VAL A 181 2.15 -18.47 5.92
CA VAL A 181 0.99 -18.80 6.74
C VAL A 181 -0.05 -17.68 6.69
N LEU A 182 0.40 -16.44 6.85
CA LEU A 182 -0.48 -15.28 6.71
C LEU A 182 -1.10 -15.21 5.31
N LEU A 183 -0.27 -15.21 4.27
CA LEU A 183 -0.79 -15.12 2.91
C LEU A 183 -1.90 -16.13 2.63
N SER A 184 -1.69 -17.35 3.12
CA SER A 184 -2.66 -18.44 2.97
C SER A 184 -3.97 -18.14 3.71
N GLU A 185 -3.85 -17.59 4.92
CA GLU A 185 -5.00 -17.18 5.73
C GLU A 185 -5.76 -16.06 5.03
N ILE A 186 -5.00 -15.17 4.39
CA ILE A 186 -5.55 -14.07 3.62
C ILE A 186 -6.30 -14.56 2.37
N ASP A 187 -5.69 -15.51 1.67
CA ASP A 187 -6.26 -16.15 0.49
C ASP A 187 -7.58 -16.84 0.85
N GLU A 188 -7.57 -17.70 1.87
CA GLU A 188 -8.79 -18.33 2.36
C GLU A 188 -9.90 -17.32 2.68
N PHE A 189 -9.56 -16.24 3.38
CA PHE A 189 -10.55 -15.21 3.73
C PHE A 189 -11.15 -14.60 2.45
N ARG A 191 -11.40 -15.84 -0.46
CA ARG A 191 -12.19 -16.81 -1.20
C ARG A 191 -13.63 -16.87 -0.72
N GLU A 192 -13.80 -16.87 0.61
CA GLU A 192 -15.13 -16.89 1.21
C GLU A 192 -15.84 -15.57 0.96
N GLN A 193 -15.10 -14.48 1.12
CA GLN A 193 -15.64 -13.16 0.86
C GLN A 193 -16.11 -13.01 -0.61
N ASP A 194 -15.29 -13.41 -1.57
CA ASP A 194 -15.62 -13.26 -3.00
C ASP A 194 -16.86 -14.09 -3.38
N ARG A 195 -17.03 -15.23 -2.71
CA ARG A 195 -18.20 -16.06 -2.90
C ARG A 195 -19.47 -15.42 -2.33
N LEU A 196 -19.37 -14.85 -1.12
CA LEU A 196 -20.54 -14.35 -0.39
C LEU A 196 -21.04 -12.94 -0.82
N PHE A 197 -20.13 -12.11 -1.30
CA PHE A 197 -20.46 -10.71 -1.49
C PHE A 197 -20.95 -10.29 -2.87
N GLY A 198 -20.40 -10.80 -3.93
CA GLY A 198 -20.87 -10.29 -5.22
C GLY A 198 -20.10 -9.06 -5.69
N ASN A 199 -19.91 -8.97 -7.01
CA ASN A 199 -18.88 -8.12 -7.62
C ASN A 199 -18.98 -6.64 -7.33
N SER A 200 -20.19 -6.17 -7.10
CA SER A 200 -20.48 -4.75 -7.00
C SER A 200 -20.62 -4.25 -5.55
N ASP A 201 -20.48 -5.15 -4.59
CA ASP A 201 -20.65 -4.80 -3.18
C ASP A 201 -19.34 -4.38 -2.54
N ILE A 202 -19.40 -3.44 -1.59
CA ILE A 202 -18.23 -3.12 -0.79
C ILE A 202 -17.87 -4.32 0.08
N LYS A 203 -16.57 -4.56 0.26
CA LYS A 203 -16.07 -5.73 0.96
C LYS A 203 -15.44 -5.38 2.30
N PRO A 204 -15.63 -6.23 3.34
CA PRO A 204 -15.05 -5.98 4.68
C PRO A 204 -13.51 -5.94 4.64
N LEU A 205 -12.93 -6.76 3.77
CA LEU A 205 -11.53 -6.67 3.42
C LEU A 205 -11.46 -6.03 2.04
N ALA A 206 -11.14 -4.74 2.00
CA ALA A 206 -11.17 -3.94 0.77
C ALA A 206 -10.09 -4.40 -0.22
N ASN A 207 -8.89 -4.64 0.32
CA ASN A 207 -7.78 -5.19 -0.44
C ASN A 207 -6.60 -5.60 0.45
N VAL A 208 -5.62 -6.26 -0.16
CA VAL A 208 -4.33 -6.44 0.43
C VAL A 208 -3.28 -5.94 -0.57
N ILE A 209 -2.44 -5.03 -0.13
CA ILE A 209 -1.40 -4.47 -0.95
C ILE A 209 -0.08 -4.99 -0.45
N VAL A 210 0.62 -5.72 -1.31
CA VAL A 210 1.85 -6.41 -0.94
C VAL A 210 3.10 -5.64 -1.42
N ASN A 211 4.06 -5.44 -0.53
CA ASN A 211 5.43 -5.02 -0.88
C ASN A 211 6.43 -6.15 -0.58
N ASP A 212 7.44 -6.31 -1.42
CA ASP A 212 8.36 -7.43 -1.23
C ASP A 212 9.76 -6.91 -0.87
N ASN A 213 10.27 -7.30 0.30
CA ASN A 213 11.57 -6.79 0.75
C ASN A 213 12.70 -7.00 -0.24
N THR A 214 12.85 -8.24 -0.70
CA THR A 214 13.93 -8.61 -1.63
C THR A 214 13.80 -7.87 -2.97
N GLN A 215 12.57 -7.64 -3.42
CA GLN A 215 12.29 -6.82 -4.61
C GLN A 215 12.65 -5.35 -4.41
N GLN A 217 14.66 -4.02 -2.09
CA GLN A 217 16.10 -3.89 -1.86
C GLN A 217 16.86 -3.91 -3.18
N ARG A 218 16.41 -4.71 -4.14
CA ARG A 218 17.04 -4.77 -5.45
C ARG A 218 16.99 -3.43 -6.19
N ILE A 219 15.81 -2.80 -6.19
CA ILE A 219 15.60 -1.52 -6.88
C ILE A 219 16.49 -0.41 -6.33
N ILE A 220 16.45 -0.24 -5.02
CA ILE A 220 17.16 0.87 -4.40
C ILE A 220 18.65 0.63 -4.19
N GLU A 221 19.08 -0.63 -4.22
CA GLU A 221 20.51 -0.96 -4.13
C GLU A 221 21.16 -1.09 -5.51
N SER A 222 20.34 -1.24 -6.56
CA SER A 222 20.86 -1.24 -7.93
C SER A 222 20.90 0.18 -8.48
N GLN A 223 20.62 1.14 -7.60
CA GLN A 223 20.58 2.55 -7.95
C GLN A 223 21.17 3.40 -6.83
N LYS A 224 21.41 4.68 -7.13
CA LYS A 224 21.92 5.67 -6.17
C LYS A 224 23.28 5.25 -5.57
N GLY A 225 24.16 4.77 -6.45
CA GLY A 225 25.53 4.38 -6.11
C GLY A 225 26.36 4.33 -7.38
N THR A 226 26.30 5.41 -8.14
CA THR A 226 26.75 5.49 -9.55
C THR A 226 28.27 5.38 -9.80
N LYS A 227 29.05 5.11 -8.75
CA LYS A 227 30.51 5.15 -8.82
C LYS A 227 31.23 3.87 -8.36
N ASP A 228 30.73 3.27 -7.28
CA ASP A 228 31.29 2.04 -6.65
C ASP A 228 30.82 1.92 -5.20
N LEU A 229 30.62 3.07 -4.55
CA LEU A 229 30.31 3.16 -3.12
C LEU A 229 28.79 3.25 -2.87
N LYS A 230 28.29 2.41 -1.97
CA LYS A 230 26.85 2.35 -1.67
C LYS A 230 26.48 3.13 -0.40
N ASN A 231 27.43 3.94 0.09
CA ASN A 231 27.31 4.70 1.34
C ASN A 231 27.20 3.81 2.58
N ARG A 232 26.89 2.52 2.33
CA ARG A 232 26.92 1.41 3.29
C ARG A 232 26.30 1.59 4.68
N TYR A 233 25.61 2.73 4.88
CA TYR A 233 24.97 3.03 6.16
C TYR A 233 23.51 3.45 6.00
N VAL A 234 23.10 3.70 4.75
CA VAL A 234 21.71 4.05 4.43
C VAL A 234 20.86 2.80 4.58
N ASN A 235 19.90 2.81 5.51
CA ASN A 235 18.92 1.73 5.59
C ASN A 235 17.92 1.82 4.44
N TRP A 236 18.04 0.85 3.53
CA TRP A 236 17.19 0.78 2.34
C TRP A 236 15.70 0.74 2.68
N LYS A 237 15.35 0.13 3.81
CA LYS A 237 13.96 0.06 4.26
C LYS A 237 13.33 1.44 4.36
N GLU A 238 14.05 2.37 4.99
CA GLU A 238 13.60 3.76 5.10
C GLU A 238 13.35 4.36 3.72
N VAL A 239 14.22 4.02 2.77
CA VAL A 239 14.06 4.46 1.39
C VAL A 239 12.79 3.83 0.77
N ALA A 240 12.56 2.54 1.07
CA ALA A 240 11.39 1.83 0.55
C ALA A 240 10.09 2.36 1.19
N ASN A 241 10.12 2.59 2.50
CA ASN A 241 9.01 3.23 3.19
C ASN A 241 8.61 4.54 2.55
N ASP A 242 9.57 5.43 2.31
CA ASP A 242 9.30 6.70 1.63
C ASP A 242 8.55 6.50 0.31
N ASN A 243 9.05 5.57 -0.49
CA ASN A 243 8.55 5.29 -1.83
C ASN A 243 7.15 4.68 -1.83
N VAL A 244 6.90 3.69 -0.96
CA VAL A 244 5.60 3.04 -0.88
C VAL A 244 4.53 3.94 -0.29
N VAL A 245 4.90 4.69 0.74
CA VAL A 245 3.93 5.55 1.42
C VAL A 245 3.60 6.79 0.60
N SER A 246 4.60 7.42 0.00
CA SER A 246 4.34 8.62 -0.81
C SER A 246 3.43 8.29 -2.00
N THR A 247 3.72 7.18 -2.68
CA THR A 247 2.90 6.68 -3.78
C THR A 247 1.42 6.53 -3.38
N LEU A 248 1.17 6.01 -2.17
CA LEU A 248 -0.19 5.78 -1.68
C LEU A 248 -0.90 7.08 -1.37
N HIS A 249 -0.18 7.98 -0.69
CA HIS A 249 -0.68 9.31 -0.43
C HIS A 249 -0.97 10.06 -1.73
N GLU A 250 -0.04 9.97 -2.68
CA GLU A 250 -0.19 10.57 -4.00
C GLU A 250 -1.43 10.15 -4.76
N ILE A 251 -1.70 8.84 -4.82
CA ILE A 251 -2.89 8.36 -5.53
C ILE A 251 -4.15 8.79 -4.79
N ASN A 252 -4.02 9.05 -3.49
CA ASN A 252 -5.12 9.57 -2.69
C ASN A 252 -5.39 11.02 -3.04
N ILE A 253 -4.34 11.84 -3.08
CA ILE A 253 -4.52 13.27 -3.33
C ILE A 253 -4.87 13.67 -4.77
N ILE A 254 -4.23 13.03 -5.76
CA ILE A 254 -4.36 13.44 -7.17
C ILE A 254 -5.81 13.53 -7.72
N PRO A 255 -6.62 12.46 -7.58
CA PRO A 255 -8.00 12.49 -8.08
C PRO A 255 -8.87 13.60 -7.50
N GLU A 256 -8.59 14.02 -6.26
CA GLU A 256 -9.34 15.05 -5.57
C GLU A 256 -8.94 16.46 -5.98
N ASN A 257 -7.68 16.61 -6.39
CA ASN A 257 -7.06 17.91 -6.55
C ASN A 257 -6.68 18.23 -8.00
N TYR A 258 -6.73 17.22 -8.86
CA TYR A 258 -6.42 17.42 -10.27
C TYR A 258 -7.53 16.88 -11.16
N GLY A 259 -7.82 17.63 -12.22
CA GLY A 259 -8.74 17.19 -13.24
C GLY A 259 -8.13 17.38 -14.61
N SER A 260 -8.89 16.97 -15.64
CA SER A 260 -8.42 16.99 -17.02
C SER A 260 -9.44 17.62 -17.99
N ASP A 261 -8.93 18.21 -19.06
CA ASP A 261 -9.76 18.71 -20.15
C ASP A 261 -10.17 17.59 -21.10
N ASN A 262 -9.83 16.36 -20.72
CA ASN A 262 -10.05 15.16 -21.51
C ASN A 262 -10.78 14.08 -20.68
N VAL A 263 -10.03 13.07 -20.22
CA VAL A 263 -10.56 12.07 -19.29
C VAL A 263 -10.14 12.43 -17.86
N THR A 264 -11.12 12.77 -17.04
CA THR A 264 -10.87 13.12 -15.63
C THR A 264 -11.12 11.92 -14.71
N TYR A 265 -10.13 11.56 -13.91
CA TYR A 265 -10.26 10.47 -12.95
C TYR A 265 -10.72 11.05 -11.62
N ASP A 266 -11.86 10.57 -11.13
CA ASP A 266 -12.51 11.13 -9.96
C ASP A 266 -12.23 10.34 -8.68
N PRO A 267 -12.34 11.00 -7.51
CA PRO A 267 -12.30 10.27 -6.23
C PRO A 267 -13.16 8.99 -6.20
N SER A 268 -14.36 9.05 -6.79
CA SER A 268 -15.32 7.93 -6.78
C SER A 268 -14.78 6.73 -7.56
N ASP A 269 -14.05 6.99 -8.64
CA ASP A 269 -13.39 5.93 -9.37
C ASP A 269 -12.34 5.25 -8.51
N LEU A 270 -11.58 6.06 -7.76
CA LEU A 270 -10.55 5.54 -6.85
C LEU A 270 -11.18 4.70 -5.73
N ILE A 271 -12.22 5.26 -5.11
CA ILE A 271 -12.99 4.57 -4.07
C ILE A 271 -13.45 3.19 -4.55
N LYS A 272 -14.13 3.14 -5.70
CA LYS A 272 -14.55 1.88 -6.31
C LYS A 272 -13.38 0.93 -6.43
N LEU A 273 -12.28 1.40 -7.02
CA LEU A 273 -11.13 0.57 -7.32
C LEU A 273 -10.51 -0.01 -6.06
N LEU A 274 -10.51 0.78 -4.99
CA LEU A 274 -9.87 0.41 -3.73
C LEU A 274 -10.77 -0.41 -2.81
N SER A 275 -12.09 -0.37 -3.03
CA SER A 275 -13.01 -0.99 -2.08
C SER A 275 -13.82 -2.21 -2.58
N ILE A 276 -14.15 -2.27 -3.87
CA ILE A 276 -15.00 -3.39 -4.30
C ILE A 276 -14.27 -4.67 -4.77
N PRO A 277 -13.13 -4.55 -5.48
CA PRO A 277 -12.51 -5.80 -5.96
C PRO A 277 -12.22 -6.84 -4.88
N GLY A 278 -11.77 -6.41 -3.70
CA GLY A 278 -11.73 -7.28 -2.52
C GLY A 278 -10.51 -8.19 -2.38
N ARG A 279 -9.52 -8.02 -3.24
CA ARG A 279 -8.41 -8.97 -3.28
C ARG A 279 -7.06 -8.26 -3.37
N PHE A 280 -6.05 -8.93 -3.93
CA PHE A 280 -4.72 -8.37 -4.05
C PHE A 280 -4.66 -7.20 -5.05
N LEU A 281 -4.03 -6.11 -4.62
CA LEU A 281 -3.90 -4.87 -5.38
C LEU A 281 -2.44 -4.47 -5.52
N THR A 282 -2.08 -3.97 -6.71
CA THR A 282 -0.75 -3.42 -6.98
C THR A 282 -0.81 -2.07 -7.70
N ILE A 283 0.32 -1.35 -7.68
CA ILE A 283 0.43 0.01 -8.22
C ILE A 283 1.76 0.13 -8.94
N GLY A 284 1.74 0.60 -10.19
CA GLY A 284 2.95 1.04 -10.88
C GLY A 284 3.04 2.57 -10.90
N LYS A 285 4.12 3.11 -10.33
CA LYS A 285 4.41 4.55 -10.43
C LYS A 285 5.59 4.79 -11.38
N ALA A 286 5.31 5.35 -12.54
CA ALA A 286 6.31 5.55 -13.59
C ALA A 286 6.46 7.03 -13.91
N ARG A 287 7.61 7.62 -13.60
CA ARG A 287 7.84 9.00 -14.04
C ARG A 287 8.34 9.02 -15.46
N ILE A 288 7.77 9.94 -16.24
CA ILE A 288 8.13 10.09 -17.64
C ILE A 288 8.63 11.51 -17.95
N ALA A 289 9.95 11.61 -18.11
CA ALA A 289 10.59 12.86 -18.47
C ALA A 289 10.98 12.89 -19.95
N LYS A 290 11.36 11.75 -20.53
CA LYS A 290 11.59 11.66 -21.97
C LYS A 290 10.27 11.43 -22.69
N PHE A 291 9.82 12.43 -23.44
CA PHE A 291 8.56 12.30 -24.19
C PHE A 291 8.72 11.58 -25.53
N ASP A 292 8.93 10.27 -25.45
CA ASP A 292 8.86 9.39 -26.61
C ASP A 292 8.30 8.01 -26.23
N LEU A 293 7.71 7.35 -27.22
CA LEU A 293 6.95 6.13 -27.05
C LEU A 293 7.69 5.01 -26.33
N HIS A 294 8.92 4.72 -26.77
CA HIS A 294 9.75 3.68 -26.13
C HIS A 294 10.04 3.92 -24.65
N SER A 295 10.40 5.16 -24.29
CA SER A 295 10.66 5.49 -22.89
C SER A 295 9.41 5.41 -22.05
N LEU A 296 8.27 5.80 -22.63
CA LEU A 296 6.96 5.68 -22.00
C LEU A 296 6.68 4.21 -21.65
N GLU A 297 6.71 3.36 -22.68
CA GLU A 297 6.40 1.95 -22.56
C GLU A 297 7.30 1.30 -21.53
N ASN A 298 8.59 1.61 -21.62
CA ASN A 298 9.60 1.05 -20.73
C ASN A 298 9.43 1.43 -19.27
N SER A 299 9.19 2.70 -18.98
CA SER A 299 9.02 3.15 -17.59
C SER A 299 7.78 2.53 -16.95
N ILE A 300 6.69 2.41 -17.72
CA ILE A 300 5.48 1.76 -17.24
C ILE A 300 5.76 0.30 -16.88
N LYS A 301 6.38 -0.44 -17.80
CA LYS A 301 6.70 -1.85 -17.59
C LYS A 301 7.63 -2.05 -16.39
N ARG A 302 8.62 -1.18 -16.27
CA ARG A 302 9.50 -1.19 -15.11
C ARG A 302 8.74 -0.98 -13.81
N SER A 303 7.89 0.05 -13.77
CA SER A 303 7.06 0.35 -12.59
C SER A 303 6.21 -0.86 -12.14
N LEU A 304 5.74 -1.64 -13.11
CA LEU A 304 4.88 -2.80 -12.81
C LEU A 304 5.62 -4.08 -12.47
N ASP A 305 6.69 -4.39 -13.21
CA ASP A 305 7.37 -5.67 -13.06
C ASP A 305 8.56 -5.61 -12.12
N GLU A 306 9.15 -4.43 -11.97
CA GLU A 306 10.31 -4.22 -11.12
C GLU A 306 10.21 -2.95 -10.27
N GLY A 307 9.00 -2.67 -9.76
CA GLY A 307 8.79 -1.51 -8.90
C GLY A 307 8.52 -1.86 -7.45
N PHE A 308 8.27 -0.84 -6.63
CA PHE A 308 8.08 -1.01 -5.19
C PHE A 308 6.93 -1.91 -4.80
N PHE A 309 5.95 -2.05 -5.67
CA PHE A 309 4.79 -2.87 -5.39
C PHE A 309 4.77 -4.23 -6.09
N SER A 310 5.86 -4.55 -6.81
CA SER A 310 5.95 -5.76 -7.62
C SER A 310 6.19 -6.98 -6.76
N ALA A 311 5.51 -8.08 -7.13
CA ALA A 311 5.60 -9.35 -6.40
C ALA A 311 5.14 -10.51 -7.27
N GLU A 312 5.57 -10.50 -8.52
CA GLU A 312 5.13 -11.50 -9.51
C GLU A 312 3.60 -11.62 -9.43
N HIS A 313 2.93 -10.49 -9.55
CA HIS A 313 1.47 -10.45 -9.44
C HIS A 313 0.79 -11.17 -10.60
N GLN A 314 -0.40 -11.69 -10.33
CA GLN A 314 -1.14 -12.41 -11.34
C GLN A 314 -2.06 -11.42 -12.03
N PHE A 315 -1.49 -10.54 -12.85
CA PHE A 315 -2.23 -9.47 -13.52
C PHE A 315 -3.41 -9.99 -14.31
N GLU A 316 -3.18 -11.09 -15.02
CA GLU A 316 -4.16 -11.81 -15.85
C GLU A 316 -5.46 -12.06 -15.09
N THR A 317 -5.37 -12.07 -13.78
CA THR A 317 -6.53 -12.37 -12.95
C THR A 317 -7.22 -11.12 -12.37
N ALA A 318 -6.70 -9.93 -12.68
CA ALA A 318 -7.32 -8.67 -12.21
C ALA A 318 -8.78 -8.54 -12.65
N THR A 319 -9.60 -7.96 -11.78
CA THR A 319 -11.01 -7.73 -12.07
C THR A 319 -11.32 -6.23 -12.24
N TYR A 321 -9.22 -2.17 -13.05
CA TYR A 321 -8.00 -1.37 -13.19
C TYR A 321 -8.33 0.09 -13.02
N GLY A 322 -7.30 0.89 -12.74
CA GLY A 322 -7.47 2.33 -12.74
C GLY A 322 -6.13 3.00 -12.89
N GLY A 323 -6.15 4.32 -12.93
CA GLY A 323 -4.92 5.08 -12.99
C GLY A 323 -5.05 6.40 -13.70
N PHE A 324 -3.91 7.05 -13.88
CA PHE A 324 -3.85 8.37 -14.47
C PHE A 324 -2.41 8.74 -14.83
N VAL A 325 -2.27 9.50 -15.90
CA VAL A 325 -1.02 10.18 -16.24
C VAL A 325 -1.16 11.62 -15.77
N LEU A 326 -0.34 12.02 -14.80
CA LEU A 326 -0.25 13.41 -14.39
C LEU A 326 0.72 14.10 -15.34
N ARG A 327 0.17 14.88 -16.28
CA ARG A 327 0.94 15.43 -17.38
C ARG A 327 0.90 16.97 -17.45
N PRO A 328 1.99 17.61 -17.94
CA PRO A 328 1.99 19.07 -18.18
C PRO A 328 0.91 19.50 -19.15
N SER A 329 0.28 20.65 -18.87
CA SER A 329 -0.63 21.26 -19.83
C SER A 329 0.17 21.66 -21.07
N ASN A 330 -0.45 21.53 -22.22
CA ASN A 330 0.15 21.91 -23.51
C ASN A 330 1.43 21.17 -23.91
N ALA A 331 1.58 19.95 -23.39
CA ALA A 331 2.59 19.03 -23.90
C ALA A 331 1.92 18.20 -24.98
N ASP A 332 2.36 18.39 -26.21
CA ASP A 332 1.79 17.75 -27.39
C ASP A 332 1.87 16.22 -27.35
N PHE A 333 2.89 15.71 -26.66
CA PHE A 333 3.07 14.27 -26.51
C PHE A 333 1.88 13.62 -25.79
N PHE A 334 1.31 14.34 -24.82
CA PHE A 334 0.22 13.82 -24.02
C PHE A 334 -1.15 14.34 -24.47
N LYS A 335 -1.19 14.78 -25.73
CA LYS A 335 -2.42 15.09 -26.44
C LYS A 335 -2.41 14.26 -27.73
N ASP A 336 -1.41 13.39 -27.82
CA ASP A 336 -1.17 12.58 -29.01
C ASP A 336 -1.79 11.19 -28.88
N VAL A 337 -2.54 10.81 -29.92
CA VAL A 337 -3.30 9.56 -29.90
C VAL A 337 -2.40 8.31 -29.98
N ASN A 338 -1.19 8.49 -30.52
CA ASN A 338 -0.16 7.44 -30.53
C ASN A 338 0.32 7.11 -29.11
N THR A 339 0.44 8.15 -28.28
CA THR A 339 0.80 8.01 -26.88
C THR A 339 -0.34 7.29 -26.14
N GLU A 340 -1.56 7.80 -26.28
CA GLU A 340 -2.73 7.19 -25.65
C GLU A 340 -2.80 5.69 -25.97
N ASN A 341 -2.73 5.36 -27.26
CA ASN A 341 -2.73 3.98 -27.71
C ASN A 341 -1.58 3.13 -27.16
N ARG A 342 -0.44 3.75 -26.90
CA ARG A 342 0.73 3.06 -26.35
C ARG A 342 0.54 2.69 -24.88
N ILE A 343 -0.05 3.59 -24.11
CA ILE A 343 -0.37 3.31 -22.71
C ILE A 343 -1.35 2.13 -22.66
N ARG A 344 -2.43 2.24 -23.42
CA ARG A 344 -3.45 1.19 -23.50
C ARG A 344 -2.84 -0.16 -23.88
N ASN A 345 -2.02 -0.17 -24.94
CA ASN A 345 -1.37 -1.40 -25.41
C ASN A 345 -0.38 -2.03 -24.43
N THR A 346 0.32 -1.18 -23.67
CA THR A 346 1.26 -1.62 -22.64
C THR A 346 0.51 -2.24 -21.45
N LEU A 347 -0.56 -1.58 -21.01
CA LEU A 347 -1.40 -2.12 -19.93
C LEU A 347 -2.12 -3.39 -20.39
N GLY A 348 -2.40 -3.46 -21.69
CA GLY A 348 -3.07 -4.61 -22.29
C GLY A 348 -2.27 -5.90 -22.21
N GLU A 349 -0.95 -5.76 -22.08
CA GLU A 349 -0.08 -6.91 -21.93
C GLU A 349 -0.14 -7.55 -20.53
N TYR A 350 -0.61 -6.79 -19.55
CA TYR A 350 -0.82 -7.30 -18.19
C TYR A 350 -2.21 -7.90 -18.05
N LYS A 351 -3.22 -7.13 -18.42
CA LYS A 351 -4.62 -7.55 -18.44
C LYS A 351 -5.31 -6.80 -19.58
N ARG A 352 -5.94 -7.52 -20.50
CA ARG A 352 -6.75 -6.89 -21.55
C ARG A 352 -7.89 -6.11 -20.90
N LEU A 353 -7.89 -4.80 -21.18
CA LEU A 353 -8.74 -3.83 -20.50
C LEU A 353 -10.20 -3.84 -20.96
N ASP A 354 -10.43 -4.46 -22.13
CA ASP A 354 -11.77 -4.70 -22.66
C ASP A 354 -12.61 -5.53 -21.73
N GLU A 355 -11.96 -6.40 -20.95
CA GLU A 355 -12.67 -7.44 -20.20
C GLU A 355 -13.07 -7.03 -18.77
N ILE A 356 -12.55 -5.91 -18.29
CA ILE A 356 -12.75 -5.51 -16.89
C ILE A 356 -13.14 -4.04 -16.76
N ALA A 357 -13.81 -3.72 -15.66
CA ALA A 357 -14.17 -2.34 -15.32
C ALA A 357 -12.92 -1.50 -15.02
N GLY A 358 -13.10 -0.18 -15.04
CA GLY A 358 -12.02 0.75 -14.76
C GLY A 358 -11.85 1.79 -15.84
N LYS A 359 -11.11 2.85 -15.53
CA LYS A 359 -10.77 3.92 -16.48
C LYS A 359 -9.40 4.49 -16.18
N PHE A 360 -8.91 5.30 -17.11
CA PHE A 360 -7.57 5.86 -17.00
C PHE A 360 -7.62 7.30 -17.45
N GLY A 361 -7.33 8.21 -16.53
CA GLY A 361 -7.42 9.63 -16.79
C GLY A 361 -6.10 10.25 -17.20
N ASP A 362 -6.15 11.50 -17.64
CA ASP A 362 -4.94 12.28 -17.92
C ASP A 362 -5.03 13.65 -17.23
N PRO A 363 -5.02 13.67 -15.88
CA PRO A 363 -5.11 14.95 -15.20
C PRO A 363 -3.92 15.82 -15.55
N ILE A 364 -4.15 17.13 -15.64
CA ILE A 364 -3.07 18.06 -15.96
C ILE A 364 -2.56 18.74 -14.68
N TRP A 365 -1.23 18.76 -14.51
CA TRP A 365 -0.62 19.58 -13.47
C TRP A 365 0.34 20.62 -14.05
N ASP A 366 0.82 21.49 -13.17
CA ASP A 366 1.58 22.66 -13.57
C ASP A 366 3.07 22.43 -13.34
N ASN A 367 3.61 21.45 -14.05
CA ASN A 367 5.02 21.04 -13.98
C ASN A 367 5.43 20.40 -15.32
N GLU A 368 6.74 20.19 -15.52
CA GLU A 368 7.27 19.89 -16.87
C GLU A 368 7.52 18.44 -17.24
N TYR A 369 7.32 17.52 -16.29
CA TYR A 369 7.40 16.09 -16.58
C TYR A 369 6.06 15.42 -16.27
N ALA A 370 5.95 14.13 -16.58
CA ALA A 370 4.73 13.37 -16.27
C ALA A 370 4.98 12.21 -15.30
N VAL A 371 3.94 11.81 -14.58
CA VAL A 371 3.97 10.58 -13.77
C VAL A 371 2.76 9.72 -14.11
N CYS A 372 3.01 8.47 -14.46
CA CYS A 372 1.97 7.53 -14.81
C CYS A 372 1.76 6.58 -13.64
N TYR A 373 0.54 6.56 -13.12
CA TYR A 373 0.16 5.67 -12.03
C TYR A 373 -0.80 4.63 -12.57
N THR A 374 -0.45 3.37 -12.42
CA THR A 374 -1.26 2.28 -12.96
C THR A 374 -1.63 1.33 -11.83
N ILE A 375 -2.92 1.04 -11.72
CA ILE A 375 -3.44 0.25 -10.62
C ILE A 375 -4.24 -0.96 -11.13
N PHE A 376 -3.89 -2.13 -10.59
CA PHE A 376 -4.60 -3.36 -10.86
C PHE A 376 -5.11 -3.93 -9.54
N ALA A 377 -6.40 -4.25 -9.49
CA ALA A 377 -7.04 -4.74 -8.26
C ALA A 377 -7.76 -6.07 -8.44
N GLY A 378 -8.08 -6.69 -7.33
CA GLY A 378 -8.81 -7.95 -7.21
C GLY A 378 -8.05 -9.11 -7.83
N THR A 380 -5.63 -12.57 -7.62
CA THR A 380 -5.31 -13.69 -6.72
C THR A 380 -3.85 -13.67 -6.25
N PRO A 382 -0.20 -13.28 -5.16
CA PRO A 382 1.02 -12.91 -5.84
C PRO A 382 1.92 -14.13 -5.94
N LYS A 383 2.49 -14.39 -7.12
CA LYS A 383 3.34 -15.58 -7.28
C LYS A 383 4.61 -15.53 -6.43
N ARG A 384 4.82 -14.40 -5.74
CA ARG A 384 5.88 -14.29 -4.75
C ARG A 384 5.70 -15.37 -3.68
N TYR A 385 4.45 -15.71 -3.38
CA TYR A 385 4.17 -16.85 -2.51
C TYR A 385 4.99 -18.09 -2.92
N ILE A 386 5.01 -18.38 -4.24
CA ILE A 386 5.72 -19.56 -4.77
C ILE A 386 7.26 -19.42 -4.68
N SER A 387 7.82 -18.34 -5.24
CA SER A 387 9.28 -18.16 -5.21
C SER A 387 9.80 -18.10 -3.78
N LEU A 388 9.00 -17.50 -2.91
CA LEU A 388 9.24 -17.40 -1.47
C LEU A 388 9.26 -18.75 -0.74
N ALA A 389 8.35 -19.66 -1.14
CA ALA A 389 8.32 -21.04 -0.64
C ALA A 389 9.53 -21.82 -1.15
N ARG A 390 9.94 -21.51 -2.37
CA ARG A 390 11.12 -22.12 -2.98
C ARG A 390 12.42 -21.69 -2.28
N GLU A 391 12.57 -20.38 -2.06
CA GLU A 391 13.72 -19.83 -1.34
C GLU A 391 13.76 -20.35 0.09
N GLY A 392 12.62 -20.29 0.78
CA GLY A 392 12.49 -20.86 2.11
C GLY A 392 13.10 -22.24 2.23
N LYS A 393 12.76 -23.13 1.30
CA LYS A 393 13.32 -24.48 1.29
C LYS A 393 14.84 -24.46 1.10
N GLU A 394 15.32 -23.73 0.09
CA GLU A 394 16.75 -23.57 -0.19
C GLU A 394 17.53 -23.10 1.04
N LEU A 395 16.95 -22.11 1.73
CA LEU A 395 17.56 -21.50 2.91
C LEU A 395 17.66 -22.48 4.06
N ALA A 396 16.59 -23.22 4.33
CA ALA A 396 16.56 -24.24 5.37
C ALA A 396 17.45 -25.42 5.04
N GLU A 397 17.63 -25.66 3.74
CA GLU A 397 18.48 -26.74 3.24
C GLU A 397 19.94 -26.41 3.54
N LYS A 398 20.35 -25.20 3.20
CA LYS A 398 21.72 -24.73 3.42
C LYS A 398 22.00 -24.45 4.89
N GLN A 399 20.94 -24.22 5.65
CA GLN A 399 21.03 -24.03 7.09
C GLN A 399 21.46 -25.34 7.74
N GLU A 400 20.79 -26.44 7.38
CA GLU A 400 21.13 -27.77 7.87
C GLU A 400 22.36 -28.35 7.17
N GLN A 401 22.53 -28.02 5.89
CA GLN A 401 23.72 -28.35 5.12
C GLN A 401 24.92 -27.60 5.67
N LEU A 402 26.13 -28.13 5.40
CA LEU A 402 27.39 -27.55 5.88
C LEU A 402 27.54 -27.57 7.41
N ARG A 403 26.43 -27.81 8.12
CA ARG A 403 26.44 -27.93 9.58
C ARG A 403 27.12 -29.24 10.04
N ALA A 404 28.44 -29.26 9.94
CA ALA A 404 29.25 -30.35 10.44
C ALA A 404 30.15 -29.84 11.58
#